data_3SQX
#
_entry.id   3SQX
#
_cell.length_a   88.943
_cell.length_b   127.043
_cell.length_c   55.883
_cell.angle_alpha   90.00
_cell.angle_beta   90.00
_cell.angle_gamma   90.00
#
_symmetry.space_group_name_H-M   'P 21 21 2'
#
loop_
_entity.id
_entity.type
_entity.pdbx_description
1 polymer 'ATP-dependent RNA helicase MSS116, mitochondrial'
2 polymer "RNA (5'-R(*UP*UP*UP*UP*UP*UP*UP*UP*UP*U)-3')"
3 non-polymer 'PHOSPHOAMINOPHOSPHONIC ACID-ADENYLATE ESTER'
4 non-polymer 'MAGNESIUM ION'
5 water water
#
loop_
_entity_poly.entity_id
_entity_poly.type
_entity_poly.pdbx_seq_one_letter_code
_entity_poly.pdbx_strand_id
1 'polypeptide(L)'
;GSSKLIHVPKEDNSKEVTLDSLLEEGVLDKEIHKAITRMEFPGLTPVQQKTIKPILSSEDHDVIARAKTGTGKTFAFLIP
IFQHLINTKFDSQYMVKAVIVAPTRDLALQIEAEVKKIHDMNYGLKKYACVSLVGGTDFRAAMNKMNKLRPNIVIATPGR
LIDVLEKYSNKFFRFVDYKVLDEADRLLEIGFRDDLETISGILNEKNSKSADNIKTLLFSATLDDKVQKLANNIMNKKEC
LFLDTVDKNEPEAHERIDQSVVISEKFANSIFAAVEHIKKQIKERDSNYKAIIFAPTVKFTSFLCSILKNEFKKDLPILE
FHGKITQNKRTSLVKRFKKDESGILVCTDVGARGMDFPNVHEVLQIGVPSELANYIHRIGRTARSGKEGSSVLFICKDEL
PFVRELEDAKNIVIAKQEKYEPSEEIKSEVLEAVTEEPEDISDIVISLISSYRSCIKEYRFSERRILPEIASTYGVLLND
PQLKIPVSRRFLDKLGLSRSPIGKAMFEIRDY
;
A
2 'polyribonucleotide' UUUUUUUUUU B
#
loop_
_chem_comp.id
_chem_comp.type
_chem_comp.name
_chem_comp.formula
ANP non-polymer 'PHOSPHOAMINOPHOSPHONIC ACID-ADENYLATE ESTER' 'C10 H17 N6 O12 P3'
MG non-polymer 'MAGNESIUM ION' 'Mg 2'
U RNA linking URIDINE-5'-MONOPHOSPHATE 'C9 H13 N2 O9 P'
#
# COMPACT_ATOMS: atom_id res chain seq x y z
N SER A 3 -4.35 28.53 5.94
CA SER A 3 -4.59 27.86 7.25
C SER A 3 -3.34 27.92 8.12
N LYS A 4 -3.34 27.17 9.24
CA LYS A 4 -2.21 27.14 10.16
C LYS A 4 -2.01 25.75 10.72
N LEU A 5 -0.75 25.34 10.84
CA LEU A 5 -0.38 23.98 11.25
C LEU A 5 0.07 23.94 12.71
N ILE A 6 -0.59 23.12 13.52
CA ILE A 6 -0.24 22.92 14.92
C ILE A 6 0.41 21.55 15.11
N HIS A 7 1.74 21.53 15.26
CA HIS A 7 2.47 20.29 15.50
C HIS A 7 2.23 19.79 16.92
N VAL A 8 2.15 18.48 17.07
CA VAL A 8 2.08 17.84 18.39
C VAL A 8 2.99 16.61 18.36
N PRO A 9 4.30 16.82 18.58
CA PRO A 9 5.30 15.75 18.43
C PRO A 9 5.22 14.65 19.49
N LYS A 10 6.12 13.67 19.38
CA LYS A 10 6.15 12.51 20.26
C LYS A 10 6.68 12.87 21.67
N GLU A 11 5.83 12.70 22.69
CA GLU A 11 6.18 13.02 24.08
C GLU A 11 6.85 11.84 24.78
N ASP A 12 7.60 12.13 25.84
CA ASP A 12 8.38 11.11 26.56
C ASP A 12 7.50 10.19 27.41
N ASN A 13 7.08 10.67 28.58
CA ASN A 13 6.29 9.87 29.53
C ASN A 13 4.83 10.35 29.59
N SER A 14 4.16 10.41 28.45
CA SER A 14 2.77 10.86 28.36
C SER A 14 1.84 9.85 29.01
N LYS A 15 0.94 10.33 29.86
CA LYS A 15 0.01 9.46 30.61
C LYS A 15 -0.81 8.58 29.67
N GLU A 16 -0.74 7.26 29.91
CA GLU A 16 -1.37 6.27 29.05
C GLU A 16 -2.87 6.52 28.91
N VAL A 17 -3.37 6.34 27.69
CA VAL A 17 -4.80 6.43 27.41
C VAL A 17 -5.32 5.01 27.15
N THR A 18 -6.44 4.67 27.76
CA THR A 18 -7.05 3.36 27.56
C THR A 18 -8.51 3.50 27.15
N LEU A 19 -9.12 2.38 26.80
CA LEU A 19 -10.55 2.34 26.51
C LEU A 19 -11.36 2.70 27.80
N ASP A 20 -10.94 2.15 28.95
CA ASP A 20 -11.58 2.47 30.24
C ASP A 20 -11.55 3.97 30.54
N SER A 21 -10.36 4.56 30.45
CA SER A 21 -10.18 6.01 30.70
C SER A 21 -11.03 6.86 29.75
N LEU A 22 -11.08 6.50 28.48
CA LEU A 22 -11.88 7.26 27.52
C LEU A 22 -13.38 7.13 27.80
N LEU A 23 -13.80 6.00 28.35
CA LEU A 23 -15.20 5.76 28.70
C LEU A 23 -15.63 6.67 29.85
N GLU A 24 -14.84 6.65 30.92
CA GLU A 24 -15.11 7.48 32.12
C GLU A 24 -15.08 8.97 31.79
N GLU A 25 -14.23 9.35 30.85
CA GLU A 25 -14.06 10.75 30.48
C GLU A 25 -15.20 11.34 29.63
N GLY A 26 -16.12 10.49 29.15
CA GLY A 26 -17.25 10.94 28.32
C GLY A 26 -16.99 10.83 26.82
N VAL A 27 -15.73 10.63 26.47
CA VAL A 27 -15.35 10.58 25.07
C VAL A 27 -16.00 9.38 24.36
N LEU A 28 -15.83 8.19 24.92
CA LEU A 28 -16.42 6.97 24.34
C LEU A 28 -17.71 6.55 25.05
N ASP A 29 -18.72 6.20 24.25
CA ASP A 29 -19.96 5.61 24.74
C ASP A 29 -19.69 4.15 25.10
N LYS A 30 -20.53 3.57 25.94
CA LYS A 30 -20.37 2.18 26.37
C LYS A 30 -20.35 1.20 25.19
N GLU A 31 -21.12 1.49 24.15
CA GLU A 31 -21.31 0.55 23.06
C GLU A 31 -20.06 0.33 22.20
N ILE A 32 -19.28 1.37 21.96
CA ILE A 32 -18.02 1.22 21.21
C ILE A 32 -16.91 0.74 22.13
N HIS A 33 -16.94 1.13 23.41
CA HIS A 33 -15.99 0.63 24.41
C HIS A 33 -16.06 -0.90 24.49
N LYS A 34 -17.28 -1.41 24.57
CA LYS A 34 -17.54 -2.85 24.64
C LYS A 34 -17.09 -3.58 23.38
N ALA A 35 -17.31 -2.98 22.22
CA ALA A 35 -16.92 -3.57 20.93
C ALA A 35 -15.42 -3.84 20.87
N ILE A 36 -14.64 -2.80 21.16
CA ILE A 36 -13.19 -2.87 21.12
C ILE A 36 -12.67 -3.69 22.28
N THR A 37 -13.22 -3.50 23.49
CA THR A 37 -12.76 -4.27 24.64
C THR A 37 -12.80 -5.77 24.31
N ARG A 38 -13.89 -6.21 23.67
CA ARG A 38 -14.10 -7.63 23.31
C ARG A 38 -13.07 -8.22 22.32
N MET A 39 -12.29 -7.37 21.65
CA MET A 39 -11.24 -7.84 20.74
C MET A 39 -9.99 -8.32 21.50
N GLU A 40 -9.97 -8.11 22.82
CA GLU A 40 -8.90 -8.60 23.70
C GLU A 40 -7.49 -8.14 23.31
N PHE A 41 -7.37 -6.89 22.85
CA PHE A 41 -6.06 -6.26 22.62
C PHE A 41 -5.44 -5.88 23.95
N PRO A 42 -4.10 -5.98 24.08
CA PRO A 42 -3.44 -5.66 25.35
C PRO A 42 -3.79 -4.25 25.85
N GLY A 43 -3.82 -3.30 24.92
CA GLY A 43 -4.23 -1.94 25.18
C GLY A 43 -4.35 -1.20 23.84
N LEU A 44 -4.58 0.11 23.90
CA LEU A 44 -4.61 0.93 22.71
C LEU A 44 -3.17 1.24 22.23
N THR A 45 -2.94 1.16 20.92
CA THR A 45 -1.62 1.44 20.32
C THR A 45 -1.32 2.93 20.46
N PRO A 46 -0.05 3.34 20.27
CA PRO A 46 0.24 4.76 20.43
C PRO A 46 -0.62 5.68 19.57
N VAL A 47 -0.78 5.36 18.27
CA VAL A 47 -1.56 6.25 17.40
C VAL A 47 -3.02 6.32 17.84
N GLN A 48 -3.58 5.21 18.31
CA GLN A 48 -4.94 5.20 18.85
C GLN A 48 -5.03 6.08 20.09
N GLN A 49 -4.08 5.90 21.01
CA GLN A 49 -4.02 6.73 22.22
C GLN A 49 -4.01 8.23 21.88
N LYS A 50 -3.32 8.59 20.81
CA LYS A 50 -3.06 9.98 20.46
C LYS A 50 -4.18 10.66 19.66
N THR A 51 -4.92 9.92 18.85
CA THR A 51 -5.81 10.54 17.86
C THR A 51 -7.29 10.50 18.24
N ILE A 52 -7.70 9.58 19.10
CA ILE A 52 -9.12 9.32 19.33
C ILE A 52 -9.87 10.54 19.88
N LYS A 53 -9.34 11.17 20.92
CA LYS A 53 -10.03 12.34 21.52
C LYS A 53 -9.91 13.58 20.63
N PRO A 54 -8.69 13.86 20.12
CA PRO A 54 -8.60 14.98 19.17
C PRO A 54 -9.51 14.87 17.94
N ILE A 55 -9.72 13.67 17.40
CA ILE A 55 -10.63 13.53 16.26
C ILE A 55 -12.07 13.86 16.69
N LEU A 56 -12.47 13.37 17.86
CA LEU A 56 -13.82 13.58 18.37
C LEU A 56 -14.06 14.96 19.00
N SER A 57 -12.99 15.71 19.27
CA SER A 57 -13.12 16.96 20.01
C SER A 57 -14.01 17.95 19.28
N SER A 58 -14.53 18.90 20.06
CA SER A 58 -15.51 19.88 19.59
C SER A 58 -14.86 21.03 18.82
N GLU A 59 -13.52 21.02 18.77
CA GLU A 59 -12.77 22.06 18.08
C GLU A 59 -12.94 21.91 16.57
N ASP A 60 -12.73 23.02 15.87
CA ASP A 60 -12.95 23.10 14.43
C ASP A 60 -11.61 22.87 13.71
N HIS A 61 -11.12 21.62 13.74
CA HIS A 61 -9.83 21.29 13.12
C HIS A 61 -9.87 20.04 12.25
N ASP A 62 -9.00 20.04 11.24
CA ASP A 62 -8.64 18.85 10.49
C ASP A 62 -7.54 18.13 11.28
N VAL A 63 -7.29 16.87 10.96
CA VAL A 63 -6.27 16.08 11.65
C VAL A 63 -5.35 15.40 10.63
N ILE A 64 -4.05 15.48 10.88
CA ILE A 64 -3.06 14.69 10.15
C ILE A 64 -2.36 13.79 11.15
N ALA A 65 -2.21 12.50 10.83
CA ALA A 65 -1.57 11.58 11.76
C ALA A 65 -0.54 10.72 11.08
N ARG A 66 0.66 10.66 11.64
CA ARG A 66 1.68 9.72 11.18
C ARG A 66 1.95 8.66 12.25
N ALA A 67 1.97 7.41 11.83
CA ALA A 67 2.36 6.30 12.68
C ALA A 67 2.89 5.17 11.81
N LYS A 68 3.80 4.38 12.38
CA LYS A 68 4.54 3.38 11.62
C LYS A 68 3.63 2.25 11.12
N THR A 69 4.12 1.49 10.15
CA THR A 69 3.36 0.36 9.62
C THR A 69 3.02 -0.68 10.71
N GLY A 70 1.82 -1.24 10.58
CA GLY A 70 1.29 -2.25 11.48
C GLY A 70 0.96 -1.83 12.90
N THR A 71 0.77 -0.54 13.14
CA THR A 71 0.50 -0.06 14.52
C THR A 71 -0.92 0.45 14.77
N GLY A 72 -1.86 0.07 13.89
CA GLY A 72 -3.28 0.25 14.18
C GLY A 72 -3.89 1.58 13.78
N LYS A 73 -3.41 2.18 12.71
CA LYS A 73 -4.04 3.40 12.20
C LYS A 73 -5.52 3.21 11.85
N THR A 74 -5.91 2.04 11.36
CA THR A 74 -7.29 1.86 10.91
C THR A 74 -8.30 2.14 12.05
N PHE A 75 -8.12 1.48 13.19
CA PHE A 75 -9.02 1.70 14.34
C PHE A 75 -8.84 3.08 14.96
N ALA A 76 -7.67 3.67 14.75
CA ALA A 76 -7.43 5.05 15.12
C ALA A 76 -8.48 5.99 14.53
N PHE A 77 -8.96 5.72 13.30
CA PHE A 77 -10.05 6.53 12.75
C PHE A 77 -11.43 5.88 12.82
N LEU A 78 -11.51 4.55 12.83
CA LEU A 78 -12.82 3.89 12.90
C LEU A 78 -13.51 4.10 14.25
N ILE A 79 -12.74 4.13 15.33
CA ILE A 79 -13.31 4.22 16.68
C ILE A 79 -14.02 5.55 16.88
N PRO A 80 -13.33 6.67 16.61
CA PRO A 80 -14.01 7.94 16.69
C PRO A 80 -15.10 8.13 15.65
N ILE A 81 -14.96 7.52 14.48
CA ILE A 81 -16.05 7.68 13.51
C ILE A 81 -17.32 7.06 14.09
N PHE A 82 -17.21 5.84 14.61
CA PHE A 82 -18.34 5.21 15.31
C PHE A 82 -18.90 6.09 16.43
N GLN A 83 -18.02 6.70 17.20
CA GLN A 83 -18.46 7.56 18.29
C GLN A 83 -19.26 8.73 17.73
N HIS A 84 -18.79 9.32 16.65
CA HIS A 84 -19.53 10.42 16.06
C HIS A 84 -20.93 10.00 15.62
N LEU A 85 -21.07 8.77 15.12
CA LEU A 85 -22.37 8.29 14.68
C LEU A 85 -23.31 8.08 15.86
N ILE A 86 -22.77 7.57 16.97
CA ILE A 86 -23.53 7.43 18.20
C ILE A 86 -23.92 8.83 18.74
N ASN A 87 -22.96 9.74 18.82
CA ASN A 87 -23.23 11.12 19.29
C ASN A 87 -24.39 11.77 18.52
N THR A 88 -24.49 11.49 17.22
CA THR A 88 -25.50 12.10 16.36
C THR A 88 -26.55 11.10 15.87
N LYS A 89 -26.79 10.03 16.64
CA LYS A 89 -27.67 8.92 16.21
C LYS A 89 -29.08 9.32 15.74
N PHE A 90 -29.63 10.42 16.27
CA PHE A 90 -30.98 10.84 15.94
C PHE A 90 -31.08 11.75 14.71
N ASP A 91 -29.95 12.22 14.21
CA ASP A 91 -29.89 13.14 13.06
C ASP A 91 -29.52 12.42 11.77
N SER A 92 -30.24 12.73 10.69
CA SER A 92 -29.90 12.26 9.35
C SER A 92 -29.47 10.79 9.36
N GLN A 93 -30.26 9.95 10.02
CA GLN A 93 -29.85 8.57 10.35
C GLN A 93 -29.74 7.64 9.12
N TYR A 94 -30.41 8.02 8.03
CA TYR A 94 -30.32 7.25 6.82
C TYR A 94 -29.21 7.76 5.88
N MET A 95 -28.29 8.59 6.40
CA MET A 95 -27.36 9.36 5.57
C MET A 95 -25.88 9.07 5.85
N VAL A 96 -25.07 9.23 4.81
CA VAL A 96 -23.63 9.01 4.92
C VAL A 96 -22.99 10.16 5.70
N LYS A 97 -22.38 9.81 6.83
CA LYS A 97 -21.68 10.76 7.69
C LYS A 97 -20.14 10.66 7.61
N ALA A 98 -19.62 9.51 7.24
CA ALA A 98 -18.16 9.36 7.09
C ALA A 98 -17.84 8.68 5.78
N VAL A 99 -16.89 9.25 5.05
CA VAL A 99 -16.42 8.75 3.77
C VAL A 99 -14.91 8.47 3.85
N ILE A 100 -14.53 7.19 3.75
CA ILE A 100 -13.15 6.78 3.88
C ILE A 100 -12.68 6.38 2.46
N VAL A 101 -11.55 6.95 2.01
CA VAL A 101 -11.04 6.70 0.68
C VAL A 101 -9.69 6.01 0.73
N ALA A 102 -9.48 5.02 -0.14
CA ALA A 102 -8.20 4.29 -0.16
C ALA A 102 -7.67 4.19 -1.60
N PRO A 103 -6.34 4.03 -1.77
CA PRO A 103 -5.71 3.95 -3.09
C PRO A 103 -5.86 2.63 -3.83
N THR A 104 -6.23 1.55 -3.13
CA THR A 104 -6.52 0.29 -3.80
C THR A 104 -7.83 -0.29 -3.32
N ARG A 105 -8.44 -1.08 -4.20
CA ARG A 105 -9.69 -1.71 -3.93
C ARG A 105 -9.60 -2.69 -2.74
N ASP A 106 -8.53 -3.46 -2.69
CA ASP A 106 -8.35 -4.47 -1.67
C ASP A 106 -8.18 -3.85 -0.29
N LEU A 107 -7.51 -2.69 -0.23
CA LEU A 107 -7.36 -1.98 1.01
C LEU A 107 -8.75 -1.39 1.46
N ALA A 108 -9.53 -0.83 0.54
CA ALA A 108 -10.90 -0.37 0.87
C ALA A 108 -11.74 -1.51 1.44
N LEU A 109 -11.66 -2.68 0.80
CA LEU A 109 -12.42 -3.85 1.20
C LEU A 109 -11.92 -4.40 2.53
N GLN A 110 -10.65 -4.20 2.82
CA GLN A 110 -10.11 -4.62 4.12
C GLN A 110 -10.61 -3.69 5.22
N ILE A 111 -10.67 -2.39 4.96
CA ILE A 111 -11.19 -1.42 5.95
C ILE A 111 -12.66 -1.75 6.26
N GLU A 112 -13.45 -2.05 5.22
CA GLU A 112 -14.82 -2.52 5.41
C GLU A 112 -14.86 -3.75 6.32
N ALA A 113 -13.96 -4.71 6.10
CA ALA A 113 -13.97 -5.94 6.92
C ALA A 113 -13.67 -5.63 8.39
N GLU A 114 -12.87 -4.59 8.63
CA GLU A 114 -12.58 -4.16 10.00
C GLU A 114 -13.78 -3.49 10.67
N VAL A 115 -14.54 -2.71 9.91
CA VAL A 115 -15.84 -2.23 10.37
C VAL A 115 -16.78 -3.41 10.69
N LYS A 116 -16.74 -4.47 9.89
CA LYS A 116 -17.57 -5.64 10.16
C LYS A 116 -17.17 -6.34 11.45
N LYS A 117 -15.87 -6.32 11.78
CA LYS A 117 -15.39 -6.89 13.03
C LYS A 117 -15.92 -6.12 14.24
N ILE A 118 -16.13 -4.80 14.09
CA ILE A 118 -16.71 -3.98 15.14
C ILE A 118 -18.20 -4.34 15.31
N HIS A 119 -18.90 -4.50 14.19
CA HIS A 119 -20.27 -5.00 14.19
C HIS A 119 -20.39 -6.38 14.88
N ASP A 120 -19.48 -7.30 14.54
CA ASP A 120 -19.54 -8.66 15.07
C ASP A 120 -19.31 -8.74 16.58
N MET A 121 -18.56 -7.77 17.12
CA MET A 121 -18.30 -7.71 18.55
C MET A 121 -19.42 -7.03 19.34
N ASN A 122 -20.21 -6.17 18.70
CA ASN A 122 -21.39 -5.57 19.33
C ASN A 122 -22.51 -5.43 18.32
N TYR A 123 -23.46 -6.37 18.36
CA TYR A 123 -24.57 -6.36 17.38
C TYR A 123 -25.36 -5.06 17.44
N GLY A 124 -25.27 -4.34 18.57
CA GLY A 124 -25.95 -3.06 18.72
C GLY A 124 -25.39 -1.94 17.86
N LEU A 125 -24.22 -2.18 17.25
CA LEU A 125 -23.60 -1.20 16.35
C LEU A 125 -23.93 -1.44 14.87
N LYS A 126 -24.54 -2.58 14.54
CA LYS A 126 -24.95 -2.86 13.17
C LYS A 126 -25.84 -1.78 12.54
N LYS A 127 -26.63 -1.09 13.36
CA LYS A 127 -27.46 0.01 12.87
C LYS A 127 -26.66 1.12 12.17
N TYR A 128 -25.37 1.22 12.48
CA TYR A 128 -24.44 2.12 11.78
C TYR A 128 -23.83 1.35 10.63
N ALA A 129 -24.56 1.26 9.52
CA ALA A 129 -24.22 0.32 8.45
C ALA A 129 -23.13 0.89 7.56
N CYS A 130 -22.57 0.04 6.71
CA CYS A 130 -21.38 0.34 5.93
C CYS A 130 -21.47 -0.35 4.58
N VAL A 131 -21.06 0.38 3.54
CA VAL A 131 -21.00 -0.13 2.18
C VAL A 131 -19.70 0.34 1.54
N SER A 132 -19.08 -0.57 0.77
CA SER A 132 -17.85 -0.29 0.08
C SER A 132 -18.21 0.00 -1.36
N LEU A 133 -17.55 0.96 -1.95
CA LEU A 133 -17.81 1.32 -3.31
C LEU A 133 -16.48 1.29 -4.07
N VAL A 134 -16.19 0.18 -4.75
CA VAL A 134 -14.89 0.01 -5.38
C VAL A 134 -15.06 -0.51 -6.79
N GLY A 135 -14.09 -0.22 -7.64
CA GLY A 135 -14.05 -0.74 -9.01
C GLY A 135 -14.06 -2.25 -9.05
N GLY A 136 -14.50 -2.79 -10.18
CA GLY A 136 -14.45 -4.24 -10.44
C GLY A 136 -15.51 -5.02 -9.70
N THR A 137 -16.50 -4.30 -9.14
CA THR A 137 -17.66 -4.92 -8.50
C THR A 137 -18.92 -4.45 -9.23
N ASP A 138 -20.00 -5.20 -9.13
CA ASP A 138 -21.24 -4.84 -9.81
C ASP A 138 -21.83 -3.53 -9.25
N PHE A 139 -21.86 -2.51 -10.10
CA PHE A 139 -22.30 -1.16 -9.72
C PHE A 139 -23.73 -1.14 -9.16
N ARG A 140 -24.65 -1.78 -9.88
CA ARG A 140 -26.06 -1.80 -9.48
C ARG A 140 -26.28 -2.51 -8.13
N ALA A 141 -25.57 -3.63 -7.92
CA ALA A 141 -25.70 -4.37 -6.65
C ALA A 141 -25.23 -3.54 -5.45
N ALA A 142 -24.16 -2.75 -5.63
CA ALA A 142 -23.66 -1.85 -4.59
C ALA A 142 -24.70 -0.76 -4.24
N MET A 143 -25.38 -0.25 -5.26
CA MET A 143 -26.40 0.77 -5.06
C MET A 143 -27.64 0.20 -4.39
N ASN A 144 -27.99 -1.03 -4.73
CA ASN A 144 -29.05 -1.75 -4.00
C ASN A 144 -28.69 -1.83 -2.54
N LYS A 145 -27.41 -1.98 -2.25
CA LYS A 145 -26.91 -2.06 -0.88
C LYS A 145 -26.99 -0.69 -0.20
N MET A 146 -26.59 0.37 -0.91
CA MET A 146 -26.75 1.73 -0.41
C MET A 146 -28.23 1.99 -0.04
N ASN A 147 -29.12 1.61 -0.95
CA ASN A 147 -30.55 1.80 -0.77
C ASN A 147 -31.17 0.97 0.35
N LYS A 148 -30.74 -0.28 0.46
CA LYS A 148 -31.26 -1.23 1.43
C LYS A 148 -30.74 -0.93 2.84
N LEU A 149 -29.44 -0.66 2.96
CA LEU A 149 -28.79 -0.43 4.27
C LEU A 149 -28.81 1.04 4.75
N ARG A 150 -28.88 1.99 3.81
CA ARG A 150 -28.76 3.43 4.13
C ARG A 150 -27.56 3.70 5.05
N PRO A 151 -26.36 3.37 4.56
CA PRO A 151 -25.16 3.37 5.41
C PRO A 151 -24.77 4.72 5.95
N ASN A 152 -24.27 4.73 7.19
CA ASN A 152 -23.57 5.91 7.73
C ASN A 152 -22.08 6.02 7.36
N ILE A 153 -21.50 4.93 6.87
CA ILE A 153 -20.07 4.89 6.57
C ILE A 153 -19.93 4.38 5.16
N VAL A 154 -19.17 5.10 4.32
CA VAL A 154 -18.83 4.58 2.99
C VAL A 154 -17.32 4.43 2.88
N ILE A 155 -16.88 3.31 2.32
CA ILE A 155 -15.46 3.10 2.05
C ILE A 155 -15.35 2.95 0.55
N ALA A 156 -14.33 3.58 -0.05
CA ALA A 156 -14.29 3.62 -1.50
C ALA A 156 -12.89 3.82 -2.09
N THR A 157 -12.77 3.45 -3.36
CA THR A 157 -11.65 3.88 -4.15
C THR A 157 -12.13 5.08 -5.00
N PRO A 158 -11.21 5.95 -5.43
CA PRO A 158 -11.60 7.24 -5.99
C PRO A 158 -12.43 7.17 -7.26
N GLY A 159 -12.02 6.36 -8.22
CA GLY A 159 -12.75 6.25 -9.47
C GLY A 159 -14.20 5.89 -9.27
N ARG A 160 -14.43 4.82 -8.55
CA ARG A 160 -15.82 4.37 -8.34
C ARG A 160 -16.62 5.36 -7.49
N LEU A 161 -15.96 6.01 -6.52
CA LEU A 161 -16.64 7.01 -5.70
C LEU A 161 -17.12 8.19 -6.54
N ILE A 162 -16.27 8.69 -7.43
CA ILE A 162 -16.65 9.80 -8.30
C ILE A 162 -17.84 9.39 -9.17
N ASP A 163 -17.76 8.19 -9.71
CA ASP A 163 -18.82 7.62 -10.54
C ASP A 163 -20.18 7.67 -9.81
N VAL A 164 -20.21 7.18 -8.59
CA VAL A 164 -21.37 7.23 -7.73
C VAL A 164 -21.78 8.66 -7.36
N LEU A 165 -20.80 9.50 -7.06
CA LEU A 165 -21.08 10.85 -6.58
C LEU A 165 -21.75 11.68 -7.67
N GLU A 166 -21.37 11.47 -8.92
CA GLU A 166 -21.96 12.23 -10.01
C GLU A 166 -23.44 11.96 -10.20
N LYS A 167 -23.89 10.77 -9.80
CA LYS A 167 -25.26 10.34 -10.02
C LYS A 167 -26.15 10.40 -8.76
N TYR A 168 -25.57 10.21 -7.58
CA TYR A 168 -26.35 10.06 -6.34
C TYR A 168 -25.80 10.85 -5.15
N SER A 169 -25.06 11.92 -5.38
CA SER A 169 -24.58 12.72 -4.24
C SER A 169 -25.73 13.34 -3.44
N ASN A 170 -26.81 13.76 -4.11
CA ASN A 170 -27.92 14.41 -3.41
C ASN A 170 -28.63 13.42 -2.50
N LYS A 171 -28.78 12.19 -2.95
CA LYS A 171 -29.54 11.19 -2.18
C LYS A 171 -28.87 10.75 -0.87
N PHE A 172 -27.56 10.48 -0.92
CA PHE A 172 -26.86 9.90 0.23
C PHE A 172 -25.84 10.81 0.88
N PHE A 173 -25.33 11.83 0.19
CA PHE A 173 -24.11 12.48 0.67
C PHE A 173 -24.23 13.95 1.06
N ARG A 174 -25.43 14.46 1.35
CA ARG A 174 -25.54 15.87 1.71
C ARG A 174 -25.26 16.15 3.19
N PHE A 175 -24.98 15.10 3.98
CA PHE A 175 -24.71 15.29 5.41
C PHE A 175 -23.42 14.63 5.89
N VAL A 176 -22.41 14.56 5.03
CA VAL A 176 -21.10 14.00 5.39
C VAL A 176 -20.45 14.95 6.39
N ASP A 177 -19.99 14.44 7.53
CA ASP A 177 -19.22 15.23 8.49
C ASP A 177 -17.69 15.01 8.45
N TYR A 178 -17.26 13.80 8.10
CA TYR A 178 -15.81 13.48 8.06
C TYR A 178 -15.47 12.81 6.75
N LYS A 179 -14.31 13.14 6.19
CA LYS A 179 -13.71 12.35 5.13
C LYS A 179 -12.29 12.00 5.52
N VAL A 180 -11.88 10.76 5.22
CA VAL A 180 -10.59 10.21 5.59
C VAL A 180 -9.83 9.78 4.34
N LEU A 181 -8.60 10.24 4.23
CA LEU A 181 -7.68 9.76 3.22
C LEU A 181 -6.70 8.84 3.93
N ASP A 182 -6.89 7.53 3.81
CA ASP A 182 -5.92 6.57 4.33
C ASP A 182 -4.85 6.47 3.26
N GLU A 183 -3.60 6.34 3.67
CA GLU A 183 -2.44 6.44 2.77
C GLU A 183 -2.47 7.79 2.06
N ALA A 184 -2.63 8.85 2.84
CA ALA A 184 -2.91 10.19 2.32
C ALA A 184 -1.86 10.65 1.35
N ASP A 185 -0.60 10.35 1.63
CA ASP A 185 0.46 10.82 0.77
C ASP A 185 0.31 10.27 -0.66
N ARG A 186 -0.02 8.98 -0.78
CA ARG A 186 -0.28 8.38 -2.08
C ARG A 186 -1.48 9.01 -2.78
N LEU A 187 -2.55 9.27 -2.02
CA LEU A 187 -3.77 9.84 -2.61
C LEU A 187 -3.62 11.30 -3.05
N LEU A 188 -2.49 11.93 -2.75
CA LEU A 188 -2.21 13.32 -3.12
C LEU A 188 -1.08 13.44 -4.15
N GLU A 189 -0.58 12.30 -4.62
CA GLU A 189 0.32 12.30 -5.77
C GLU A 189 -0.51 12.49 -7.01
N ILE A 190 0.20 12.74 -8.12
CA ILE A 190 -0.38 12.99 -9.43
C ILE A 190 -1.16 11.78 -9.90
N GLY A 191 -2.37 11.99 -10.42
CA GLY A 191 -3.23 10.84 -10.81
C GLY A 191 -4.21 10.39 -9.73
N PHE A 192 -3.97 10.79 -8.47
CA PHE A 192 -5.01 10.75 -7.44
C PHE A 192 -5.44 12.15 -6.94
N ARG A 193 -4.50 13.10 -6.90
CA ARG A 193 -4.80 14.42 -6.33
C ARG A 193 -6.02 15.07 -6.97
N ASP A 194 -6.08 15.12 -8.31
CA ASP A 194 -7.22 15.67 -9.03
C ASP A 194 -8.52 14.94 -8.69
N ASP A 195 -8.45 13.61 -8.56
CA ASP A 195 -9.64 12.83 -8.15
C ASP A 195 -10.11 13.21 -6.76
N LEU A 196 -9.17 13.36 -5.83
CA LEU A 196 -9.52 13.74 -4.46
C LEU A 196 -10.10 15.16 -4.39
N GLU A 197 -9.61 16.05 -5.24
CA GLU A 197 -10.14 17.41 -5.30
C GLU A 197 -11.55 17.44 -5.90
N THR A 198 -11.85 16.57 -6.85
CA THR A 198 -13.20 16.43 -7.35
C THR A 198 -14.08 15.86 -6.26
N ILE A 199 -13.65 14.77 -5.64
CA ILE A 199 -14.41 14.17 -4.53
C ILE A 199 -14.72 15.26 -3.49
N SER A 200 -13.69 15.97 -3.07
CA SER A 200 -13.81 16.97 -2.02
C SER A 200 -14.77 18.09 -2.41
N GLY A 201 -14.62 18.61 -3.63
CA GLY A 201 -15.50 19.67 -4.14
C GLY A 201 -16.99 19.30 -4.21
N ILE A 202 -17.26 18.05 -4.57
CA ILE A 202 -18.65 17.59 -4.67
C ILE A 202 -19.27 17.49 -3.25
N LEU A 203 -18.61 16.77 -2.34
CA LEU A 203 -19.04 16.67 -0.95
C LEU A 203 -19.24 18.04 -0.30
N ASN A 204 -18.31 18.96 -0.52
CA ASN A 204 -18.44 20.33 0.01
C ASN A 204 -19.61 21.12 -0.59
N GLU A 205 -19.82 21.04 -1.90
CA GLU A 205 -20.90 21.78 -2.56
C GLU A 205 -22.25 21.22 -2.14
N LYS A 206 -22.33 19.89 -2.01
CA LYS A 206 -23.60 19.25 -1.67
C LYS A 206 -23.97 19.30 -0.18
N ASN A 207 -23.01 19.63 0.69
CA ASN A 207 -23.26 19.58 2.13
C ASN A 207 -24.34 20.56 2.57
N SER A 208 -25.27 20.12 3.43
CA SER A 208 -26.46 20.91 3.76
C SER A 208 -26.23 22.01 4.78
N LYS A 209 -25.18 21.90 5.61
CA LYS A 209 -24.85 22.96 6.59
C LYS A 209 -23.91 24.01 5.99
N SER A 210 -22.89 23.60 5.23
CA SER A 210 -21.96 24.56 4.58
C SER A 210 -20.82 23.90 3.80
N ALA A 211 -20.11 24.70 3.00
CA ALA A 211 -18.97 24.21 2.23
C ALA A 211 -17.74 23.88 3.10
N ASP A 212 -17.71 24.37 4.34
CA ASP A 212 -16.59 24.08 5.26
C ASP A 212 -16.95 23.13 6.43
N ASN A 213 -18.13 22.52 6.40
CA ASN A 213 -18.55 21.54 7.42
C ASN A 213 -17.58 20.35 7.54
N ILE A 214 -17.21 19.75 6.42
CA ILE A 214 -16.46 18.49 6.45
C ILE A 214 -15.11 18.66 7.12
N LYS A 215 -14.84 17.79 8.09
CA LYS A 215 -13.56 17.69 8.76
C LYS A 215 -12.81 16.59 8.03
N THR A 216 -11.51 16.78 7.84
CA THR A 216 -10.69 15.89 7.04
C THR A 216 -9.58 15.27 7.89
N LEU A 217 -9.40 13.96 7.74
CA LEU A 217 -8.38 13.22 8.45
C LEU A 217 -7.42 12.55 7.47
N LEU A 218 -6.12 12.81 7.62
CA LEU A 218 -5.10 12.18 6.78
C LEU A 218 -4.22 11.25 7.58
N PHE A 219 -4.04 10.01 7.11
CA PHE A 219 -3.26 8.99 7.80
C PHE A 219 -2.22 8.34 6.89
N SER A 220 -0.98 8.23 7.37
CA SER A 220 0.04 7.45 6.70
C SER A 220 1.27 7.17 7.55
N ALA A 221 1.99 6.10 7.22
CA ALA A 221 3.32 5.86 7.80
C ALA A 221 4.35 6.82 7.21
N THR A 222 4.07 7.37 6.03
CA THR A 222 4.95 8.33 5.35
C THR A 222 4.25 9.68 5.08
N LEU A 223 4.50 10.66 5.97
CA LEU A 223 3.89 11.99 5.93
C LEU A 223 4.81 13.02 6.61
N ASP A 224 4.89 14.22 6.02
CA ASP A 224 5.61 15.38 6.60
C ASP A 224 4.72 16.62 6.57
N ASP A 225 5.29 17.80 6.85
CA ASP A 225 4.56 19.07 6.72
C ASP A 225 4.24 19.42 5.25
N LYS A 226 5.05 18.90 4.33
CA LYS A 226 4.89 19.21 2.91
C LYS A 226 3.60 18.63 2.34
N VAL A 227 3.04 17.60 2.99
CA VAL A 227 1.79 16.98 2.57
C VAL A 227 0.58 17.83 2.90
N GLN A 228 0.66 18.62 3.97
CA GLN A 228 -0.38 19.60 4.29
C GLN A 228 -0.53 20.63 3.17
N LYS A 229 0.58 20.99 2.52
CA LYS A 229 0.53 21.93 1.41
C LYS A 229 -0.24 21.31 0.24
N LEU A 230 0.13 20.08 -0.12
CA LEU A 230 -0.54 19.35 -1.19
C LEU A 230 -2.04 19.14 -0.92
N ALA A 231 -2.42 19.11 0.35
CA ALA A 231 -3.81 18.86 0.71
C ALA A 231 -4.65 20.14 0.80
N ASN A 232 -4.02 21.29 0.55
CA ASN A 232 -4.61 22.61 0.74
C ASN A 232 -6.00 22.84 0.15
N ASN A 233 -6.25 22.37 -1.06
CA ASN A 233 -7.57 22.57 -1.69
C ASN A 233 -8.69 21.65 -1.16
N ILE A 234 -8.36 20.69 -0.29
CA ILE A 234 -9.34 19.73 0.23
C ILE A 234 -9.51 19.80 1.76
N MET A 235 -8.78 20.69 2.41
CA MET A 235 -8.88 20.83 3.87
C MET A 235 -9.67 22.11 4.09
N ASN A 236 -10.81 22.00 4.79
CA ASN A 236 -11.72 23.13 4.98
C ASN A 236 -11.39 24.01 6.19
N LYS A 237 -10.91 23.39 7.27
CA LYS A 237 -10.86 24.07 8.56
C LYS A 237 -9.71 25.06 8.73
N LYS A 238 -9.82 25.90 9.76
CA LYS A 238 -8.93 27.02 9.98
C LYS A 238 -7.60 26.58 10.60
N GLU A 239 -7.59 25.46 11.31
CA GLU A 239 -6.35 24.91 11.84
C GLU A 239 -6.24 23.40 11.65
N CYS A 240 -5.00 22.93 11.56
CA CYS A 240 -4.71 21.53 11.31
C CYS A 240 -3.79 20.96 12.39
N LEU A 241 -4.31 20.07 13.23
CA LEU A 241 -3.47 19.30 14.15
C LEU A 241 -2.58 18.30 13.38
N PHE A 242 -1.28 18.34 13.63
CA PHE A 242 -0.39 17.28 13.18
C PHE A 242 0.00 16.44 14.40
N LEU A 243 -0.52 15.21 14.43
CA LEU A 243 -0.30 14.30 15.55
C LEU A 243 0.69 13.24 15.12
N ASP A 244 1.88 13.25 15.73
CA ASP A 244 3.00 12.42 15.28
C ASP A 244 3.45 11.44 16.37
N THR A 245 3.54 10.16 16.02
CA THR A 245 4.05 9.13 16.94
C THR A 245 5.48 8.70 16.59
N VAL A 246 6.09 9.43 15.65
CA VAL A 246 7.45 9.15 15.17
C VAL A 246 8.28 10.42 15.32
N ASP A 247 9.50 10.30 15.84
CA ASP A 247 10.35 11.48 16.06
C ASP A 247 10.62 12.21 14.74
N LYS A 248 11.02 13.47 14.86
CA LYS A 248 11.42 14.30 13.71
C LYS A 248 12.39 13.58 12.78
N ASN A 249 13.55 13.22 13.32
CA ASN A 249 14.64 12.61 12.54
C ASN A 249 14.50 11.10 12.34
N GLU A 250 13.83 10.43 13.29
CA GLU A 250 13.65 8.97 13.29
C GLU A 250 13.21 8.48 11.91
N PRO A 251 13.81 7.39 11.42
CA PRO A 251 13.35 6.86 10.13
C PRO A 251 11.93 6.30 10.23
N GLU A 252 11.17 6.41 9.14
CA GLU A 252 9.75 6.02 9.12
C GLU A 252 9.58 4.50 9.06
N ALA A 253 10.64 3.80 8.64
CA ALA A 253 10.64 2.34 8.62
C ALA A 253 10.54 1.77 10.04
N HIS A 254 9.82 0.66 10.18
CA HIS A 254 9.58 0.07 11.50
C HIS A 254 10.86 -0.62 11.98
N GLU A 255 11.35 -0.18 13.14
CA GLU A 255 12.68 -0.57 13.65
C GLU A 255 12.83 -2.07 13.94
N ARG A 256 11.71 -2.74 14.24
CA ARG A 256 11.74 -4.19 14.52
C ARG A 256 12.03 -5.05 13.27
N ILE A 257 11.99 -4.45 12.09
CA ILE A 257 12.28 -5.20 10.85
C ILE A 257 13.79 -5.36 10.68
N ASP A 258 14.22 -6.60 10.44
CA ASP A 258 15.62 -6.91 10.22
C ASP A 258 15.92 -6.80 8.71
N GLN A 259 16.48 -5.67 8.29
CA GLN A 259 16.67 -5.35 6.87
C GLN A 259 18.02 -5.81 6.31
N SER A 260 18.01 -6.24 5.05
CA SER A 260 19.23 -6.58 4.33
C SER A 260 19.05 -6.29 2.84
N VAL A 261 20.16 -6.07 2.14
CA VAL A 261 20.14 -5.97 0.68
C VAL A 261 21.19 -6.87 0.06
N VAL A 262 20.79 -7.59 -0.99
CA VAL A 262 21.63 -8.53 -1.70
C VAL A 262 21.90 -7.92 -3.06
N ILE A 263 23.17 -7.60 -3.31
CA ILE A 263 23.62 -6.87 -4.51
C ILE A 263 24.25 -7.81 -5.56
N SER A 264 23.63 -7.85 -6.74
CA SER A 264 24.13 -8.65 -7.84
C SER A 264 24.79 -7.74 -8.86
N GLU A 265 25.49 -8.35 -9.81
CA GLU A 265 26.10 -7.61 -10.91
C GLU A 265 25.08 -7.33 -12.01
N LYS A 266 24.04 -8.15 -12.10
CA LYS A 266 23.05 -8.01 -13.15
C LYS A 266 21.62 -8.10 -12.60
N PHE A 267 20.73 -7.32 -13.19
CA PHE A 267 19.34 -7.29 -12.71
C PHE A 267 18.76 -8.71 -12.63
N ALA A 268 18.86 -9.44 -13.73
CA ALA A 268 18.39 -10.83 -13.84
C ALA A 268 18.88 -11.76 -12.73
N ASN A 269 20.08 -11.51 -12.21
CA ASN A 269 20.67 -12.32 -11.16
C ASN A 269 19.88 -12.25 -9.85
N SER A 270 19.16 -11.15 -9.65
CA SER A 270 18.27 -11.01 -8.50
C SER A 270 17.18 -12.07 -8.52
N ILE A 271 16.77 -12.51 -9.71
CA ILE A 271 15.84 -13.63 -9.84
C ILE A 271 16.43 -14.89 -9.20
N PHE A 272 17.70 -15.20 -9.52
CA PHE A 272 18.31 -16.43 -9.05
C PHE A 272 18.61 -16.34 -7.56
N ALA A 273 19.08 -15.18 -7.11
CA ALA A 273 19.30 -14.97 -5.68
C ALA A 273 18.01 -15.25 -4.90
N ALA A 274 16.91 -14.70 -5.38
CA ALA A 274 15.61 -14.84 -4.71
C ALA A 274 15.22 -16.31 -4.58
N VAL A 275 15.37 -17.06 -5.67
CA VAL A 275 15.06 -18.47 -5.66
C VAL A 275 15.93 -19.18 -4.63
N GLU A 276 17.23 -18.91 -4.61
CA GLU A 276 18.10 -19.61 -3.67
C GLU A 276 17.74 -19.24 -2.25
N HIS A 277 17.35 -17.98 -2.04
CA HIS A 277 16.94 -17.54 -0.71
C HIS A 277 15.71 -18.33 -0.24
N ILE A 278 14.70 -18.38 -1.09
CA ILE A 278 13.46 -19.06 -0.78
C ILE A 278 13.69 -20.56 -0.55
N LYS A 279 14.51 -21.18 -1.39
CA LYS A 279 14.84 -22.59 -1.21
C LYS A 279 15.41 -22.83 0.20
N LYS A 280 16.38 -22.02 0.58
CA LYS A 280 16.99 -22.05 1.91
C LYS A 280 15.98 -21.85 3.06
N GLN A 281 15.06 -20.89 2.94
CA GLN A 281 14.08 -20.63 3.99
C GLN A 281 13.07 -21.77 4.14
N ILE A 282 12.70 -22.37 3.03
CA ILE A 282 11.80 -23.54 3.04
C ILE A 282 12.46 -24.75 3.72
N LYS A 283 13.73 -25.00 3.41
CA LYS A 283 14.47 -26.07 4.06
C LYS A 283 14.59 -25.82 5.57
N GLU A 284 15.09 -24.64 5.94
CA GLU A 284 15.41 -24.32 7.33
C GLU A 284 14.16 -24.21 8.21
N ARG A 285 13.05 -23.79 7.63
CA ARG A 285 11.80 -23.64 8.38
C ARG A 285 10.86 -24.82 8.18
N ASP A 286 11.32 -25.87 7.51
CA ASP A 286 10.50 -27.05 7.21
C ASP A 286 9.15 -26.65 6.59
N SER A 287 9.19 -25.78 5.58
CA SER A 287 8.01 -25.35 4.81
C SER A 287 7.06 -24.42 5.57
N ASN A 288 7.43 -24.04 6.80
CA ASN A 288 6.64 -23.15 7.62
C ASN A 288 7.08 -21.73 7.30
N TYR A 289 6.71 -21.29 6.10
CA TYR A 289 7.21 -20.06 5.52
C TYR A 289 6.10 -19.28 4.81
N LYS A 290 5.88 -18.06 5.31
CA LYS A 290 4.90 -17.14 4.75
C LYS A 290 5.67 -15.90 4.30
N ALA A 291 5.60 -15.57 3.02
CA ALA A 291 6.42 -14.49 2.46
C ALA A 291 5.69 -13.72 1.39
N ILE A 292 6.10 -12.47 1.21
CA ILE A 292 5.60 -11.65 0.13
C ILE A 292 6.78 -11.19 -0.69
N ILE A 293 6.67 -11.35 -2.01
CA ILE A 293 7.73 -10.93 -2.91
C ILE A 293 7.18 -9.93 -3.95
N PHE A 294 7.76 -8.74 -3.93
CA PHE A 294 7.36 -7.64 -4.80
C PHE A 294 8.21 -7.62 -6.08
N ALA A 295 7.58 -7.18 -7.15
CA ALA A 295 8.21 -7.07 -8.44
C ALA A 295 7.79 -5.73 -9.05
N PRO A 296 8.55 -5.22 -10.04
CA PRO A 296 8.21 -3.88 -10.56
C PRO A 296 6.96 -3.77 -11.48
N THR A 297 6.67 -4.79 -12.27
CA THR A 297 5.61 -4.69 -13.30
C THR A 297 4.66 -5.87 -13.23
N VAL A 298 3.49 -5.73 -13.84
CA VAL A 298 2.49 -6.78 -13.89
C VAL A 298 3.04 -7.99 -14.63
N LYS A 299 3.62 -7.73 -15.81
CA LYS A 299 4.14 -8.80 -16.68
C LYS A 299 5.29 -9.58 -16.06
N PHE A 300 6.18 -8.88 -15.36
CA PHE A 300 7.29 -9.57 -14.69
C PHE A 300 6.79 -10.31 -13.44
N THR A 301 5.79 -9.75 -12.77
CA THR A 301 5.12 -10.46 -11.63
C THR A 301 4.56 -11.81 -12.06
N SER A 302 3.90 -11.84 -13.20
CA SER A 302 3.34 -13.07 -13.76
C SER A 302 4.42 -14.08 -14.07
N PHE A 303 5.48 -13.59 -14.69
CA PHE A 303 6.64 -14.39 -15.04
C PHE A 303 7.25 -14.96 -13.78
N LEU A 304 7.53 -14.08 -12.82
CA LEU A 304 8.12 -14.49 -11.56
C LEU A 304 7.29 -15.57 -10.88
N CYS A 305 5.98 -15.45 -10.96
CA CYS A 305 5.11 -16.46 -10.41
CA CYS A 305 5.09 -16.48 -10.43
C CYS A 305 5.28 -17.81 -11.08
N SER A 306 5.53 -17.82 -12.39
CA SER A 306 5.70 -19.10 -13.08
C SER A 306 6.97 -19.78 -12.62
N ILE A 307 8.03 -19.00 -12.46
CA ILE A 307 9.31 -19.54 -12.00
C ILE A 307 9.14 -20.12 -10.59
N LEU A 308 8.45 -19.39 -9.72
CA LEU A 308 8.28 -19.83 -8.33
C LEU A 308 7.35 -21.05 -8.18
N LYS A 309 6.32 -21.16 -9.02
CA LYS A 309 5.48 -22.38 -9.05
C LYS A 309 6.30 -23.60 -9.49
N ASN A 310 7.10 -23.46 -10.53
CA ASN A 310 7.96 -24.57 -10.99
C ASN A 310 8.97 -25.01 -9.93
N GLU A 311 9.56 -24.05 -9.21
CA GLU A 311 10.49 -24.39 -8.12
C GLU A 311 9.79 -24.88 -6.84
N PHE A 312 8.67 -24.26 -6.46
CA PHE A 312 8.17 -24.36 -5.09
C PHE A 312 6.69 -24.78 -4.92
N LYS A 313 5.96 -25.00 -6.00
CA LYS A 313 4.55 -25.38 -5.86
C LYS A 313 4.40 -26.66 -5.01
N LYS A 314 5.34 -27.58 -5.13
CA LYS A 314 5.34 -28.80 -4.29
C LYS A 314 5.50 -28.52 -2.78
N ASP A 315 6.11 -27.39 -2.42
CA ASP A 315 6.38 -27.04 -1.02
C ASP A 315 5.37 -26.09 -0.40
N LEU A 316 4.79 -25.23 -1.22
CA LEU A 316 4.07 -24.04 -0.74
C LEU A 316 3.13 -23.55 -1.83
N PRO A 317 1.95 -23.01 -1.46
CA PRO A 317 1.15 -22.40 -2.50
C PRO A 317 1.79 -21.08 -2.96
N ILE A 318 1.58 -20.74 -4.21
CA ILE A 318 2.13 -19.51 -4.80
C ILE A 318 0.95 -18.73 -5.31
N LEU A 319 0.75 -17.53 -4.78
CA LEU A 319 -0.41 -16.68 -5.15
C LEU A 319 0.01 -15.45 -5.97
N GLU A 320 -0.61 -15.25 -7.13
CA GLU A 320 -0.32 -14.14 -8.01
C GLU A 320 -1.33 -13.00 -7.86
N PHE A 321 -0.82 -11.82 -7.54
CA PHE A 321 -1.64 -10.71 -7.06
C PHE A 321 -1.20 -9.42 -7.77
N HIS A 322 -2.02 -8.93 -8.69
CA HIS A 322 -1.78 -7.65 -9.35
C HIS A 322 -3.05 -7.07 -9.99
N GLY A 323 -2.94 -5.88 -10.57
CA GLY A 323 -4.06 -5.19 -11.18
C GLY A 323 -4.76 -5.86 -12.33
N LYS A 324 -4.18 -6.91 -12.91
CA LYS A 324 -4.83 -7.59 -14.03
C LYS A 324 -5.46 -8.92 -13.64
N ILE A 325 -5.26 -9.31 -12.38
CA ILE A 325 -6.05 -10.37 -11.78
C ILE A 325 -7.48 -9.85 -11.58
N THR A 326 -8.49 -10.66 -11.91
CA THR A 326 -9.89 -10.21 -11.79
C THR A 326 -10.21 -9.86 -10.34
N GLN A 327 -11.17 -8.96 -10.14
CA GLN A 327 -11.42 -8.48 -8.80
C GLN A 327 -11.92 -9.59 -7.86
N ASN A 328 -12.74 -10.51 -8.37
CA ASN A 328 -13.19 -11.66 -7.58
C ASN A 328 -12.03 -12.48 -7.02
N LYS A 329 -11.01 -12.72 -7.85
CA LYS A 329 -9.84 -13.52 -7.45
C LYS A 329 -8.88 -12.74 -6.58
N ARG A 330 -8.74 -11.44 -6.83
CA ARG A 330 -7.98 -10.58 -5.91
C ARG A 330 -8.53 -10.72 -4.48
N THR A 331 -9.84 -10.59 -4.37
CA THR A 331 -10.52 -10.67 -3.08
C THR A 331 -10.40 -12.07 -2.44
N SER A 332 -10.60 -13.12 -3.22
CA SER A 332 -10.48 -14.48 -2.66
C SER A 332 -9.05 -14.80 -2.26
N LEU A 333 -8.06 -14.37 -3.03
CA LEU A 333 -6.68 -14.63 -2.66
C LEU A 333 -6.24 -13.83 -1.45
N VAL A 334 -6.81 -12.64 -1.26
CA VAL A 334 -6.49 -11.83 -0.08
C VAL A 334 -7.04 -12.54 1.15
N LYS A 335 -8.28 -13.02 1.05
CA LYS A 335 -8.90 -13.77 2.12
C LYS A 335 -8.07 -15.00 2.49
N ARG A 336 -7.78 -15.84 1.51
CA ARG A 336 -6.90 -16.98 1.76
C ARG A 336 -5.54 -16.60 2.39
N PHE A 337 -4.86 -15.60 1.83
CA PHE A 337 -3.52 -15.28 2.33
C PHE A 337 -3.49 -14.67 3.71
N LYS A 338 -4.58 -14.00 4.09
CA LYS A 338 -4.72 -13.52 5.45
C LYS A 338 -4.82 -14.70 6.43
N LYS A 339 -5.50 -15.76 6.01
CA LYS A 339 -5.77 -16.93 6.89
C LYS A 339 -4.60 -17.92 6.96
N ASP A 340 -3.97 -18.13 5.83
CA ASP A 340 -2.94 -19.18 5.69
C ASP A 340 -1.70 -18.94 6.55
N GLU A 341 -1.16 -20.05 7.03
CA GLU A 341 0.01 -20.10 7.88
C GLU A 341 1.32 -19.94 7.09
N SER A 342 1.25 -20.22 5.80
CA SER A 342 2.41 -20.33 4.94
C SER A 342 1.99 -20.07 3.51
N GLY A 343 2.97 -19.76 2.67
CA GLY A 343 2.75 -19.54 1.24
C GLY A 343 3.49 -18.30 0.76
N ILE A 344 3.56 -18.14 -0.56
CA ILE A 344 4.24 -17.00 -1.15
C ILE A 344 3.24 -16.19 -1.97
N LEU A 345 3.08 -14.93 -1.55
CA LEU A 345 2.29 -13.95 -2.29
C LEU A 345 3.26 -13.17 -3.18
N VAL A 346 3.01 -13.23 -4.48
CA VAL A 346 3.85 -12.52 -5.45
C VAL A 346 3.07 -11.36 -6.04
N CYS A 347 3.52 -10.14 -5.79
CA CYS A 347 2.72 -9.00 -6.21
C CYS A 347 3.49 -7.78 -6.71
N THR A 348 2.74 -6.86 -7.29
CA THR A 348 3.20 -5.53 -7.64
C THR A 348 2.90 -4.64 -6.43
N ASP A 349 3.16 -3.35 -6.59
CA ASP A 349 2.78 -2.40 -5.52
C ASP A 349 1.28 -2.27 -5.26
N VAL A 350 0.42 -2.97 -6.01
CA VAL A 350 -0.98 -3.06 -5.59
C VAL A 350 -1.08 -3.49 -4.12
N GLY A 351 -0.12 -4.31 -3.68
CA GLY A 351 -0.08 -4.80 -2.29
C GLY A 351 0.97 -4.15 -1.42
N ALA A 352 1.47 -2.98 -1.80
CA ALA A 352 2.53 -2.36 -1.00
C ALA A 352 2.04 -1.64 0.22
N ARG A 353 0.84 -1.05 0.14
CA ARG A 353 0.32 -0.19 1.22
C ARG A 353 -0.90 -0.81 1.89
N GLY A 354 -0.95 -0.76 3.22
CA GLY A 354 -2.19 -1.06 3.96
C GLY A 354 -2.53 -2.51 4.21
N MET A 355 -2.30 -3.38 3.24
CA MET A 355 -2.72 -4.76 3.38
C MET A 355 -2.09 -5.40 4.61
N ASP A 356 -2.96 -6.01 5.42
CA ASP A 356 -2.62 -6.57 6.72
C ASP A 356 -2.76 -8.09 6.64
N PHE A 357 -1.64 -8.76 6.37
CA PHE A 357 -1.59 -10.21 6.31
C PHE A 357 -0.83 -10.69 7.52
N PRO A 358 -1.52 -11.32 8.50
CA PRO A 358 -0.83 -11.60 9.74
C PRO A 358 0.27 -12.62 9.59
N ASN A 359 1.33 -12.42 10.35
CA ASN A 359 2.41 -13.38 10.52
C ASN A 359 3.13 -13.73 9.24
N VAL A 360 3.33 -12.73 8.38
CA VAL A 360 4.24 -12.89 7.26
C VAL A 360 5.63 -12.90 7.88
N HIS A 361 6.50 -13.84 7.50
CA HIS A 361 7.86 -13.89 8.05
C HIS A 361 8.81 -12.93 7.33
N GLU A 362 8.73 -12.88 5.99
CA GLU A 362 9.63 -12.01 5.20
C GLU A 362 8.97 -11.29 4.05
N VAL A 363 9.49 -10.09 3.80
CA VAL A 363 9.20 -9.35 2.59
C VAL A 363 10.45 -9.35 1.70
N LEU A 364 10.27 -9.84 0.47
CA LEU A 364 11.34 -9.88 -0.51
C LEU A 364 11.02 -8.89 -1.62
N GLN A 365 12.03 -8.19 -2.09
CA GLN A 365 11.86 -7.28 -3.21
C GLN A 365 12.81 -7.67 -4.32
N ILE A 366 12.27 -7.92 -5.51
CA ILE A 366 13.13 -7.97 -6.68
C ILE A 366 13.01 -6.66 -7.43
N GLY A 367 14.05 -5.84 -7.30
CA GLY A 367 14.10 -4.54 -7.98
C GLY A 367 13.53 -3.46 -7.09
N VAL A 368 13.29 -2.29 -7.66
CA VAL A 368 12.89 -1.11 -6.89
C VAL A 368 11.38 -0.94 -6.83
N PRO A 369 10.89 -0.27 -5.78
CA PRO A 369 9.48 0.01 -5.71
C PRO A 369 9.06 1.10 -6.69
N SER A 370 7.75 1.28 -6.86
CA SER A 370 7.24 2.26 -7.80
C SER A 370 7.44 3.70 -7.30
N GLU A 371 7.80 3.88 -6.04
CA GLU A 371 8.14 5.22 -5.50
C GLU A 371 8.95 5.06 -4.21
N LEU A 372 9.74 6.06 -3.87
CA LEU A 372 10.69 5.93 -2.76
C LEU A 372 9.96 5.44 -1.52
N ALA A 373 8.92 6.18 -1.14
CA ALA A 373 8.12 5.88 0.02
C ALA A 373 7.73 4.41 0.11
N ASN A 374 7.40 3.79 -1.02
CA ASN A 374 6.90 2.41 -1.03
C ASN A 374 7.93 1.36 -0.56
N TYR A 375 9.19 1.75 -0.43
CA TYR A 375 10.14 0.92 0.28
C TYR A 375 9.67 0.70 1.73
N ILE A 376 9.28 1.79 2.41
CA ILE A 376 8.87 1.73 3.80
C ILE A 376 7.60 0.89 3.93
N HIS A 377 6.66 1.10 3.03
CA HIS A 377 5.39 0.40 3.05
C HIS A 377 5.53 -1.11 2.72
N ARG A 378 6.33 -1.44 1.71
CA ARG A 378 6.60 -2.84 1.35
C ARG A 378 7.07 -3.67 2.56
N ILE A 379 8.17 -3.23 3.19
CA ILE A 379 8.76 -4.02 4.27
C ILE A 379 7.84 -4.01 5.48
N GLY A 380 6.99 -3.00 5.55
CA GLY A 380 5.95 -2.90 6.55
C GLY A 380 4.84 -3.94 6.45
N ARG A 381 4.82 -4.73 5.38
CA ARG A 381 3.90 -5.89 5.33
C ARG A 381 4.25 -6.98 6.36
N THR A 382 5.48 -6.97 6.88
CA THR A 382 5.90 -7.90 7.93
C THR A 382 6.12 -7.10 9.22
N ALA A 383 6.29 -7.78 10.34
CA ALA A 383 6.59 -7.11 11.62
C ALA A 383 5.42 -6.21 12.07
N ARG A 384 4.22 -6.76 11.97
CA ARG A 384 2.98 -6.05 12.23
C ARG A 384 2.39 -6.45 13.60
N SER A 385 1.83 -5.48 14.32
CA SER A 385 1.13 -5.76 15.58
C SER A 385 1.98 -6.53 16.60
N GLY A 386 3.22 -6.08 16.79
CA GLY A 386 4.12 -6.64 17.79
C GLY A 386 4.97 -7.84 17.35
N LYS A 387 4.64 -8.43 16.20
CA LYS A 387 5.40 -9.59 15.67
C LYS A 387 6.75 -9.17 15.09
N GLU A 388 7.64 -10.15 14.89
CA GLU A 388 8.94 -9.93 14.27
C GLU A 388 8.83 -10.05 12.76
N GLY A 389 9.91 -9.74 12.07
CA GLY A 389 9.97 -9.93 10.61
C GLY A 389 11.29 -9.48 10.03
N SER A 390 11.61 -9.99 8.84
CA SER A 390 12.80 -9.59 8.11
C SER A 390 12.46 -9.16 6.69
N SER A 391 13.38 -8.43 6.04
CA SER A 391 13.21 -8.07 4.63
C SER A 391 14.53 -8.18 3.88
N VAL A 392 14.44 -8.60 2.61
CA VAL A 392 15.57 -8.66 1.71
C VAL A 392 15.27 -7.94 0.42
N LEU A 393 16.11 -6.96 0.09
CA LEU A 393 16.06 -6.26 -1.20
C LEU A 393 17.11 -6.88 -2.16
N PHE A 394 16.66 -7.45 -3.28
CA PHE A 394 17.55 -7.97 -4.28
C PHE A 394 17.64 -6.96 -5.41
N ILE A 395 18.85 -6.43 -5.62
CA ILE A 395 19.10 -5.43 -6.64
C ILE A 395 20.45 -5.69 -7.32
N CYS A 396 20.67 -5.04 -8.46
CA CYS A 396 21.99 -5.06 -9.11
C CYS A 396 22.76 -3.78 -8.81
N LYS A 397 24.07 -3.81 -8.99
CA LYS A 397 24.91 -2.64 -8.71
C LYS A 397 24.38 -1.33 -9.27
N ASP A 398 23.85 -1.37 -10.48
CA ASP A 398 23.31 -0.17 -11.14
C ASP A 398 22.03 0.40 -10.49
N GLU A 399 21.41 -0.34 -9.57
CA GLU A 399 20.31 0.20 -8.76
C GLU A 399 20.74 0.70 -7.37
N LEU A 400 22.05 0.66 -7.08
CA LEU A 400 22.56 1.12 -5.79
C LEU A 400 22.22 2.56 -5.42
N PRO A 401 22.11 3.47 -6.41
CA PRO A 401 21.76 4.85 -6.05
C PRO A 401 20.38 4.98 -5.40
N PHE A 402 19.51 4.00 -5.63
CA PHE A 402 18.24 3.89 -4.90
C PHE A 402 18.50 3.73 -3.39
N VAL A 403 19.47 2.89 -3.04
CA VAL A 403 19.80 2.63 -1.64
C VAL A 403 20.40 3.85 -0.95
N ARG A 404 21.12 4.68 -1.72
CA ARG A 404 21.73 5.90 -1.19
C ARG A 404 20.66 6.98 -0.98
N GLU A 405 19.68 7.00 -1.89
CA GLU A 405 18.57 7.92 -1.76
C GLU A 405 17.74 7.63 -0.49
N LEU A 406 17.59 6.35 -0.13
CA LEU A 406 16.92 5.98 1.12
C LEU A 406 17.60 6.58 2.34
N GLU A 407 18.94 6.58 2.33
CA GLU A 407 19.74 7.20 3.38
C GLU A 407 19.60 8.73 3.37
N ASP A 408 19.78 9.34 2.19
CA ASP A 408 19.73 10.81 2.05
C ASP A 408 18.35 11.40 2.33
N ALA A 409 17.32 10.82 1.70
CA ALA A 409 15.96 11.35 1.76
C ALA A 409 15.19 10.90 2.99
N LYS A 410 15.26 9.60 3.30
CA LYS A 410 14.43 9.02 4.36
C LYS A 410 15.22 8.51 5.57
N ASN A 411 16.54 8.75 5.58
CA ASN A 411 17.38 8.40 6.73
C ASN A 411 17.38 6.89 7.06
N ILE A 412 17.08 6.07 6.06
CA ILE A 412 17.06 4.61 6.24
C ILE A 412 18.42 4.05 5.83
N VAL A 413 19.10 3.40 6.77
CA VAL A 413 20.44 2.84 6.55
C VAL A 413 20.42 1.33 6.78
N ILE A 414 20.56 0.55 5.71
CA ILE A 414 20.45 -0.90 5.78
C ILE A 414 21.79 -1.48 6.20
N ALA A 415 21.84 -2.04 7.40
CA ALA A 415 23.11 -2.47 8.00
C ALA A 415 23.68 -3.72 7.33
N LYS A 416 22.83 -4.71 7.08
CA LYS A 416 23.27 -5.96 6.47
C LYS A 416 23.24 -5.83 4.95
N GLN A 417 24.42 -5.96 4.34
CA GLN A 417 24.60 -5.87 2.91
C GLN A 417 25.61 -6.92 2.46
N GLU A 418 25.30 -7.63 1.39
CA GLU A 418 26.19 -8.65 0.84
C GLU A 418 26.07 -8.76 -0.68
N LYS A 419 27.06 -9.40 -1.30
CA LYS A 419 27.13 -9.55 -2.77
C LYS A 419 26.57 -10.91 -3.14
N TYR A 420 26.19 -11.09 -4.41
CA TYR A 420 25.67 -12.39 -4.89
C TYR A 420 26.12 -12.64 -6.33
N GLU A 421 26.55 -13.87 -6.62
CA GLU A 421 26.81 -14.30 -8.00
C GLU A 421 26.23 -15.71 -8.19
N PRO A 422 25.45 -15.91 -9.27
CA PRO A 422 24.78 -17.20 -9.46
C PRO A 422 25.70 -18.28 -10.01
N SER A 423 25.57 -19.49 -9.47
CA SER A 423 26.21 -20.67 -10.04
C SER A 423 25.55 -20.98 -11.39
N GLU A 424 26.25 -21.69 -12.25
CA GLU A 424 25.66 -22.12 -13.52
C GLU A 424 24.56 -23.18 -13.27
N GLU A 425 24.64 -23.85 -12.12
CA GLU A 425 23.63 -24.87 -11.78
C GLU A 425 22.27 -24.24 -11.52
N ILE A 426 22.23 -23.16 -10.75
CA ILE A 426 20.96 -22.46 -10.48
C ILE A 426 20.39 -21.81 -11.76
N LYS A 427 21.23 -21.16 -12.56
CA LYS A 427 20.79 -20.61 -13.84
C LYS A 427 20.09 -21.67 -14.71
N SER A 428 20.76 -22.80 -14.93
CA SER A 428 20.19 -23.91 -15.71
C SER A 428 18.86 -24.43 -15.11
N GLU A 429 18.83 -24.60 -13.80
CA GLU A 429 17.61 -25.07 -13.13
C GLU A 429 16.44 -24.10 -13.43
N VAL A 430 16.66 -22.81 -13.25
CA VAL A 430 15.57 -21.84 -13.46
C VAL A 430 15.19 -21.71 -14.94
N LEU A 431 16.18 -21.51 -15.81
CA LEU A 431 15.91 -21.26 -17.22
C LEU A 431 15.25 -22.41 -17.98
N GLU A 432 15.56 -23.66 -17.63
CA GLU A 432 15.10 -24.79 -18.45
C GLU A 432 13.59 -25.01 -18.30
N ALA A 433 13.04 -24.55 -17.18
CA ALA A 433 11.61 -24.64 -16.89
C ALA A 433 10.84 -23.38 -17.32
N VAL A 434 11.53 -22.31 -17.70
CA VAL A 434 10.91 -21.17 -18.38
C VAL A 434 10.24 -21.67 -19.66
N THR A 435 8.92 -21.60 -19.73
CA THR A 435 8.21 -21.99 -20.96
C THR A 435 7.73 -20.79 -21.81
N GLU A 436 8.02 -19.56 -21.36
CA GLU A 436 7.69 -18.36 -22.12
C GLU A 436 8.41 -18.39 -23.48
N GLU A 437 7.74 -17.89 -24.52
CA GLU A 437 8.39 -17.70 -25.83
C GLU A 437 9.29 -16.46 -25.82
N PRO A 438 10.22 -16.37 -26.78
CA PRO A 438 11.04 -15.17 -26.94
C PRO A 438 10.24 -13.88 -27.02
N GLU A 439 9.09 -13.91 -27.70
CA GLU A 439 8.19 -12.75 -27.80
C GLU A 439 7.70 -12.35 -26.39
N ASP A 440 7.36 -13.34 -25.58
CA ASP A 440 6.86 -13.12 -24.21
C ASP A 440 7.96 -12.51 -23.33
N ILE A 441 9.18 -13.05 -23.43
CA ILE A 441 10.32 -12.53 -22.68
C ILE A 441 10.59 -11.08 -23.09
N SER A 442 10.51 -10.80 -24.39
CA SER A 442 10.60 -9.41 -24.89
C SER A 442 9.54 -8.46 -24.28
N ASP A 443 8.27 -8.86 -24.31
CA ASP A 443 7.21 -8.08 -23.62
C ASP A 443 7.59 -7.80 -22.18
N ILE A 444 8.02 -8.85 -21.49
CA ILE A 444 8.37 -8.75 -20.09
C ILE A 444 9.49 -7.76 -19.85
N VAL A 445 10.57 -7.88 -20.60
CA VAL A 445 11.73 -7.02 -20.39
C VAL A 445 11.39 -5.58 -20.80
N ILE A 446 10.64 -5.44 -21.90
CA ILE A 446 10.19 -4.12 -22.32
C ILE A 446 9.44 -3.42 -21.17
N SER A 447 8.54 -4.13 -20.49
CA SER A 447 7.79 -3.56 -19.35
C SER A 447 8.75 -3.05 -18.26
N LEU A 448 9.80 -3.81 -17.98
CA LEU A 448 10.82 -3.38 -17.01
C LEU A 448 11.60 -2.14 -17.48
N ILE A 449 11.96 -2.06 -18.77
CA ILE A 449 12.60 -0.84 -19.28
C ILE A 449 11.71 0.41 -19.02
N SER A 450 10.42 0.33 -19.38
CA SER A 450 9.51 1.46 -19.15
C SER A 450 9.41 1.79 -17.67
N SER A 451 9.42 0.77 -16.84
CA SER A 451 9.37 0.96 -15.40
C SER A 451 10.59 1.69 -14.87
N TYR A 452 11.76 1.16 -15.21
CA TYR A 452 12.99 1.77 -14.71
C TYR A 452 13.19 3.16 -15.28
N ARG A 453 12.81 3.36 -16.53
CA ARG A 453 12.97 4.67 -17.16
C ARG A 453 12.16 5.75 -16.42
N SER A 454 11.01 5.35 -15.86
CA SER A 454 10.12 6.32 -15.22
C SER A 454 10.61 6.77 -13.84
N CYS A 455 11.59 6.06 -13.27
CA CYS A 455 12.11 6.42 -11.93
C CYS A 455 13.59 6.80 -11.89
N ILE A 456 14.20 6.92 -13.07
CA ILE A 456 15.63 7.31 -13.19
C ILE A 456 15.97 8.54 -12.36
N LYS A 457 15.14 9.58 -12.47
CA LYS A 457 15.41 10.86 -11.84
C LYS A 457 15.18 10.82 -10.35
N GLU A 458 14.08 10.20 -9.94
CA GLU A 458 13.71 10.05 -8.54
C GLU A 458 14.80 9.32 -7.75
N TYR A 459 15.30 8.23 -8.30
CA TYR A 459 16.31 7.40 -7.63
C TYR A 459 17.76 7.70 -8.06
N ARG A 460 17.95 8.73 -8.89
CA ARG A 460 19.29 9.16 -9.33
C ARG A 460 20.09 8.05 -10.02
N PHE A 461 19.45 7.31 -10.93
CA PHE A 461 20.14 6.31 -11.71
C PHE A 461 20.95 6.99 -12.80
N SER A 462 21.97 6.29 -13.27
CA SER A 462 22.66 6.65 -14.49
C SER A 462 21.93 5.95 -15.65
N GLU A 463 21.20 6.73 -16.44
CA GLU A 463 20.37 6.22 -17.53
C GLU A 463 21.18 5.34 -18.45
N ARG A 464 22.41 5.79 -18.68
CA ARG A 464 23.41 5.13 -19.53
C ARG A 464 23.85 3.74 -19.03
N ARG A 465 23.74 3.53 -17.73
CA ARG A 465 24.06 2.23 -17.15
C ARG A 465 22.84 1.39 -16.87
N ILE A 466 21.82 1.98 -16.24
CA ILE A 466 20.68 1.20 -15.75
C ILE A 466 19.82 0.62 -16.89
N LEU A 467 19.58 1.39 -17.94
CA LEU A 467 18.67 0.94 -19.00
C LEU A 467 19.25 -0.20 -19.83
N PRO A 468 20.54 -0.12 -20.24
CA PRO A 468 21.17 -1.26 -20.93
C PRO A 468 21.22 -2.55 -20.10
N GLU A 469 21.54 -2.41 -18.81
CA GLU A 469 21.51 -3.53 -17.88
C GLU A 469 20.13 -4.19 -17.83
N ILE A 470 19.06 -3.39 -17.78
CA ILE A 470 17.69 -3.96 -17.72
C ILE A 470 17.37 -4.73 -19.00
N ALA A 471 17.67 -4.13 -20.15
CA ALA A 471 17.40 -4.74 -21.47
C ALA A 471 18.15 -6.06 -21.68
N SER A 472 19.36 -6.13 -21.15
CA SER A 472 20.25 -7.31 -21.25
C SER A 472 19.70 -8.51 -20.46
N THR A 473 18.68 -8.26 -19.65
CA THR A 473 17.89 -9.32 -19.04
C THR A 473 17.37 -10.27 -20.12
N TYR A 474 16.98 -9.74 -21.27
CA TYR A 474 16.43 -10.53 -22.35
C TYR A 474 17.39 -11.64 -22.79
N GLY A 475 18.65 -11.27 -23.00
CA GLY A 475 19.67 -12.24 -23.39
C GLY A 475 20.01 -13.20 -22.28
N VAL A 476 20.04 -12.72 -21.04
CA VAL A 476 20.25 -13.60 -19.91
C VAL A 476 19.20 -14.73 -19.93
N LEU A 477 17.93 -14.34 -20.03
CA LEU A 477 16.82 -15.29 -19.99
C LEU A 477 16.78 -16.25 -21.20
N LEU A 478 17.25 -15.81 -22.37
CA LEU A 478 17.36 -16.71 -23.52
C LEU A 478 18.71 -17.44 -23.57
N ASN A 479 19.52 -17.21 -22.54
CA ASN A 479 20.82 -17.84 -22.37
C ASN A 479 21.83 -17.53 -23.51
N ASP A 480 21.70 -16.34 -24.10
CA ASP A 480 22.67 -15.82 -25.08
C ASP A 480 22.84 -14.32 -24.79
N PRO A 481 23.89 -13.93 -24.04
CA PRO A 481 23.97 -12.55 -23.58
C PRO A 481 24.64 -11.59 -24.57
N GLN A 482 24.87 -12.04 -25.79
CA GLN A 482 25.23 -11.17 -26.90
C GLN A 482 23.96 -10.59 -27.53
N LEU A 483 22.86 -11.28 -27.31
CA LEU A 483 21.67 -11.07 -28.08
C LEU A 483 20.94 -9.82 -27.57
N LYS A 484 20.36 -9.06 -28.49
CA LYS A 484 19.64 -7.83 -28.16
C LYS A 484 18.19 -8.06 -28.50
N ILE A 485 17.31 -7.24 -27.92
CA ILE A 485 15.87 -7.37 -28.13
C ILE A 485 15.55 -6.96 -29.57
N PRO A 486 14.99 -7.90 -30.37
CA PRO A 486 14.60 -7.55 -31.74
C PRO A 486 13.40 -6.60 -31.79
N VAL A 487 13.59 -5.45 -32.44
CA VAL A 487 12.61 -4.37 -32.47
C VAL A 487 12.57 -3.78 -33.89
N SER A 488 11.50 -3.05 -34.23
CA SER A 488 11.41 -2.34 -35.52
C SER A 488 11.78 -0.87 -35.36
N ARG A 489 12.05 -0.20 -36.49
CA ARG A 489 12.48 1.21 -36.49
C ARG A 489 11.37 2.14 -35.98
N ARG A 490 10.13 1.92 -36.43
CA ARG A 490 9.00 2.75 -36.03
C ARG A 490 8.68 2.66 -34.54
N PHE A 491 9.09 1.56 -33.90
CA PHE A 491 8.96 1.39 -32.45
C PHE A 491 10.01 2.22 -31.73
N LEU A 492 11.27 2.06 -32.12
CA LEU A 492 12.40 2.78 -31.50
C LEU A 492 12.27 4.31 -31.62
N ASP A 493 11.65 4.80 -32.69
CA ASP A 493 11.37 6.24 -32.84
C ASP A 493 10.34 6.72 -31.80
N LYS A 494 9.37 5.86 -31.51
CA LYS A 494 8.33 6.16 -30.52
C LYS A 494 8.90 6.36 -29.10
N LEU A 495 9.91 5.56 -28.74
CA LEU A 495 10.59 5.68 -27.43
C LEU A 495 11.54 6.89 -27.33
N GLY A 496 11.89 7.48 -28.47
CA GLY A 496 12.76 8.67 -28.51
C GLY A 496 14.24 8.36 -28.33
N LEU A 497 14.65 7.15 -28.73
CA LEU A 497 16.04 6.69 -28.57
C LEU A 497 16.72 6.34 -29.91
N SER A 498 16.11 6.72 -31.03
CA SER A 498 16.59 6.32 -32.36
C SER A 498 17.97 6.88 -32.72
N ARG A 499 18.37 7.98 -32.08
CA ARG A 499 19.69 8.57 -32.26
C ARG A 499 20.57 8.44 -31.02
N SER A 500 20.13 7.63 -30.08
CA SER A 500 20.83 7.47 -28.80
C SER A 500 21.75 6.25 -28.85
N PRO A 501 22.98 6.40 -28.31
CA PRO A 501 23.82 5.21 -28.07
C PRO A 501 23.26 4.27 -27.00
N ILE A 502 22.49 4.82 -26.07
CA ILE A 502 21.85 4.01 -25.02
C ILE A 502 20.88 3.00 -25.65
N GLY A 503 20.07 3.48 -26.60
CA GLY A 503 19.14 2.61 -27.34
C GLY A 503 19.81 1.64 -28.29
N LYS A 504 20.98 2.02 -28.83
CA LYS A 504 21.77 1.14 -29.69
C LYS A 504 22.29 -0.08 -28.91
N ALA A 505 22.61 0.11 -27.63
CA ALA A 505 23.12 -0.96 -26.76
C ALA A 505 22.03 -1.91 -26.24
N MET A 506 20.77 -1.47 -26.26
CA MET A 506 19.63 -2.26 -25.79
C MET A 506 18.93 -3.07 -26.89
N PHE A 507 18.82 -2.47 -28.07
CA PHE A 507 17.92 -2.96 -29.12
C PHE A 507 18.59 -3.25 -30.47
N GLU A 508 18.24 -4.40 -31.04
CA GLU A 508 18.59 -4.74 -32.43
C GLU A 508 17.39 -4.46 -33.33
N ILE A 509 17.66 -3.91 -34.53
CA ILE A 509 16.60 -3.54 -35.48
C ILE A 509 16.37 -4.62 -36.55
N ARG A 510 15.77 -5.74 -36.14
CA ARG A 510 15.45 -6.85 -37.03
C ARG A 510 14.27 -6.51 -37.93
PG ANP C . -0.16 0.38 7.41
O1G ANP C . -1.50 0.56 6.74
O2G ANP C . 0.64 1.65 7.58
O3G ANP C . 0.68 -0.74 6.81
PB ANP C . -1.79 0.38 10.02
O1B ANP C . -2.94 0.86 9.19
O2B ANP C . -1.13 1.37 10.96
N3B ANP C . -0.54 -0.24 8.98
PA ANP C . -3.62 -1.67 10.81
O1A ANP C . -4.67 -0.68 11.21
O2A ANP C . -3.79 -2.43 9.52
O3A ANP C . -2.19 -0.93 10.88
O5' ANP C . -3.51 -2.71 12.02
C5' ANP C . -2.57 -3.78 12.01
C4' ANP C . -3.00 -4.95 12.89
O4' ANP C . -2.98 -4.51 14.26
C3' ANP C . -4.41 -5.44 12.62
O3' ANP C . -4.39 -6.85 12.39
C2' ANP C . -5.21 -5.11 13.88
O2' ANP C . -6.09 -6.17 14.26
C1' ANP C . -4.15 -4.93 14.93
N9 ANP C . -4.49 -3.93 15.96
C8 ANP C . -5.16 -2.77 15.80
N7 ANP C . -5.24 -2.11 16.98
C5 ANP C . -4.60 -2.85 17.90
C6 ANP C . -4.32 -2.73 19.35
N6 ANP C . -4.75 -1.65 20.04
N1 ANP C . -3.62 -3.71 19.95
C2 ANP C . -3.19 -4.79 19.26
N3 ANP C . -3.42 -4.96 17.94
C4 ANP C . -4.10 -4.04 17.23
MG MG D . -3.34 1.19 7.21
#